data_1FYU
#
_entry.id   1FYU
#
_cell.length_a   135.850
_cell.length_b   135.850
_cell.length_c   82.630
_cell.angle_alpha   90.00
_cell.angle_beta   90.00
_cell.angle_gamma   120.00
#
_symmetry.space_group_name_H-M   'P 65'
#
loop_
_entity.id
_entity.type
_entity.pdbx_description
1 polymer LECTIN
2 branched beta-D-galactopyranose-(1-4)-alpha-D-glucopyranose
3 non-polymer 'MANGANESE (II) ION'
4 non-polymer 'CALCIUM ION'
5 water water
#
_entity_poly.entity_id   1
_entity_poly.type   'polypeptide(L)'
_entity_poly.pdbx_seq_one_letter_code
;VETISFSFSEFEPGNDNLTLQGAALITQSGVLQLTKINQNGMPAWDSTGRTLYAKPVHIWDMTTGTVASFETRFSFSIEQ
PYTRPLPADGLVFFMGPTKSKPAQGYGYLGIFNNSKQDNSYQTLGVEFDTFSNPWDPPQVPHIGIDVNSIRSIKTQPFQL
DNGQVANVVIKYDASSKILHAVLVYPSSGAIYTIAEIVDVKQVLPEWVDVGLSGATGAQRDAAETHDVYSWSFQASLPET
NDAVIPTSNHNTFAI
;
_entity_poly.pdbx_strand_id   A,B
#
loop_
_chem_comp.id
_chem_comp.type
_chem_comp.name
_chem_comp.formula
CA non-polymer 'CALCIUM ION' 'Ca 2'
GAL D-saccharide, beta linking beta-D-galactopyranose 'C6 H12 O6'
GLC D-saccharide, alpha linking alpha-D-glucopyranose 'C6 H12 O6'
MN non-polymer 'MANGANESE (II) ION' 'Mn 2'
#
# COMPACT_ATOMS: atom_id res chain seq x y z
N VAL A 1 -8.60 2.63 26.41
CA VAL A 1 -8.10 2.88 25.02
C VAL A 1 -8.29 4.35 24.65
N GLU A 2 -7.28 5.16 24.89
CA GLU A 2 -7.38 6.58 24.56
C GLU A 2 -7.08 6.78 23.07
N THR A 3 -8.00 7.45 22.41
CA THR A 3 -7.93 7.72 20.98
C THR A 3 -7.91 9.20 20.62
N ILE A 4 -7.11 9.54 19.61
CA ILE A 4 -7.02 10.91 19.12
C ILE A 4 -7.43 10.78 17.65
N SER A 5 -8.09 11.81 17.12
CA SER A 5 -8.53 11.73 15.74
C SER A 5 -8.99 13.05 15.16
N PHE A 6 -8.43 13.44 14.02
CA PHE A 6 -8.84 14.67 13.36
C PHE A 6 -8.94 14.46 11.86
N SER A 7 -9.66 15.35 11.18
CA SER A 7 -9.84 15.25 9.75
C SER A 7 -10.09 16.61 9.11
N PHE A 8 -9.41 16.89 8.00
CA PHE A 8 -9.55 18.16 7.28
C PHE A 8 -9.85 17.91 5.82
N SER A 9 -11.11 18.10 5.42
CA SER A 9 -11.50 17.91 4.02
C SER A 9 -10.75 18.98 3.24
N GLU A 10 -10.65 20.16 3.86
CA GLU A 10 -9.93 21.28 3.29
C GLU A 10 -9.44 22.11 4.47
N PHE A 11 -8.57 23.07 4.19
CA PHE A 11 -8.02 23.92 5.24
C PHE A 11 -8.68 25.29 5.26
N GLU A 12 -8.84 25.82 6.46
CA GLU A 12 -9.44 27.15 6.62
C GLU A 12 -8.53 28.03 7.46
N PRO A 13 -8.25 29.25 6.98
CA PRO A 13 -7.39 30.22 7.67
C PRO A 13 -7.84 30.50 9.11
N GLY A 14 -6.90 30.61 10.03
CA GLY A 14 -7.24 30.90 11.40
C GLY A 14 -7.59 29.72 12.28
N ASN A 15 -7.98 28.60 11.68
CA ASN A 15 -8.32 27.40 12.46
C ASN A 15 -7.25 27.14 13.51
N ASP A 16 -7.57 27.37 14.78
CA ASP A 16 -6.61 27.18 15.85
C ASP A 16 -6.24 25.73 16.17
N ASN A 17 -6.77 24.79 15.38
CA ASN A 17 -6.45 23.38 15.59
C ASN A 17 -5.12 23.03 14.89
N LEU A 18 -4.63 23.97 14.10
CA LEU A 18 -3.37 23.78 13.38
C LEU A 18 -2.33 24.83 13.72
N THR A 19 -1.09 24.40 13.92
CA THR A 19 0.01 25.30 14.21
C THR A 19 0.84 25.45 12.95
N LEU A 20 0.97 26.67 12.46
CA LEU A 20 1.75 26.94 11.25
C LEU A 20 3.10 27.52 11.63
N GLN A 21 4.16 26.99 11.04
CA GLN A 21 5.51 27.46 11.30
C GLN A 21 6.23 27.82 10.01
N GLY A 22 7.21 28.70 10.11
CA GLY A 22 7.96 29.11 8.93
C GLY A 22 7.08 29.74 7.87
N ALA A 23 7.35 29.40 6.61
CA ALA A 23 6.60 29.94 5.48
C ALA A 23 5.17 29.41 5.34
N ALA A 24 4.87 28.27 5.98
CA ALA A 24 3.55 27.65 5.90
C ALA A 24 2.41 28.67 5.91
N LEU A 25 1.46 28.50 5.00
CA LEU A 25 0.34 29.42 4.88
C LEU A 25 -0.90 28.72 4.34
N ILE A 26 -2.06 29.18 4.74
CA ILE A 26 -3.32 28.59 4.29
C ILE A 26 -4.03 29.63 3.42
N THR A 27 -4.23 29.31 2.14
CA THR A 27 -4.88 30.25 1.24
C THR A 27 -6.37 30.37 1.51
N GLN A 28 -6.99 31.39 0.94
CA GLN A 28 -8.41 31.63 1.10
C GLN A 28 -9.20 30.55 0.37
N SER A 29 -8.60 29.99 -0.68
CA SER A 29 -9.24 28.94 -1.46
C SER A 29 -9.19 27.60 -0.72
N GLY A 30 -8.59 27.60 0.48
CA GLY A 30 -8.55 26.39 1.28
C GLY A 30 -7.37 25.44 1.16
N VAL A 31 -6.36 25.79 0.39
CA VAL A 31 -5.20 24.91 0.25
C VAL A 31 -4.04 25.33 1.15
N LEU A 32 -3.36 24.33 1.71
CA LEU A 32 -2.22 24.56 2.59
C LEU A 32 -0.90 24.59 1.81
N GLN A 33 -0.27 25.76 1.72
CA GLN A 33 0.99 25.90 1.01
C GLN A 33 2.14 25.83 2.01
N LEU A 34 2.77 24.67 2.11
CA LEU A 34 3.89 24.50 3.04
C LEU A 34 5.03 25.46 2.77
N THR A 35 5.38 25.63 1.49
CA THR A 35 6.45 26.54 1.15
C THR A 35 5.89 27.71 0.35
N LYS A 36 6.59 28.83 0.40
CA LYS A 36 6.17 30.06 -0.24
C LYS A 36 5.99 30.05 -1.75
N ILE A 37 4.99 30.80 -2.19
CA ILE A 37 4.68 30.96 -3.60
C ILE A 37 4.53 32.46 -3.84
N ASN A 38 5.30 33.00 -4.78
CA ASN A 38 5.23 34.43 -5.05
C ASN A 38 3.87 34.85 -5.61
N GLN A 39 3.65 36.16 -5.64
CA GLN A 39 2.40 36.70 -6.13
C GLN A 39 2.18 36.35 -7.61
N ASN A 40 3.26 35.98 -8.29
CA ASN A 40 3.17 35.63 -9.70
C ASN A 40 2.85 34.14 -9.91
N GLY A 41 2.57 33.42 -8.84
CA GLY A 41 2.25 32.01 -8.95
C GLY A 41 3.43 31.05 -9.02
N MET A 42 4.65 31.56 -8.89
CA MET A 42 5.83 30.70 -8.94
C MET A 42 6.37 30.38 -7.54
N PRO A 43 6.88 29.15 -7.34
CA PRO A 43 7.43 28.76 -6.03
C PRO A 43 8.76 29.44 -5.74
N ALA A 44 8.94 29.87 -4.49
CA ALA A 44 10.17 30.54 -4.09
C ALA A 44 11.20 29.58 -3.51
N TRP A 45 12.47 29.79 -3.86
CA TRP A 45 13.55 28.96 -3.34
C TRP A 45 13.88 29.41 -1.92
N ASP A 46 14.71 28.64 -1.23
CA ASP A 46 15.12 28.99 0.12
C ASP A 46 13.92 29.17 1.05
N SER A 47 12.93 28.28 0.95
CA SER A 47 11.74 28.37 1.79
C SER A 47 11.50 27.10 2.61
N THR A 48 11.03 27.28 3.85
CA THR A 48 10.73 26.16 4.73
C THR A 48 9.44 26.45 5.49
N GLY A 49 8.55 25.46 5.55
CA GLY A 49 7.31 25.65 6.26
C GLY A 49 6.84 24.34 6.85
N ARG A 50 6.14 24.40 7.99
CA ARG A 50 5.64 23.20 8.63
C ARG A 50 4.25 23.45 9.23
N THR A 51 3.50 22.38 9.42
CA THR A 51 2.18 22.47 10.02
C THR A 51 2.07 21.35 11.02
N LEU A 52 1.83 21.70 12.28
CA LEU A 52 1.71 20.70 13.35
C LEU A 52 0.28 20.68 13.85
N TYR A 53 -0.18 19.51 14.25
CA TYR A 53 -1.51 19.42 14.82
C TYR A 53 -1.33 20.13 16.17
N ALA A 54 -2.27 21.01 16.51
CA ALA A 54 -2.18 21.78 17.75
C ALA A 54 -2.15 20.99 19.06
N LYS A 55 -2.40 19.68 19.01
CA LYS A 55 -2.37 18.87 20.23
C LYS A 55 -1.48 17.63 20.10
N PRO A 56 -0.67 17.36 21.13
CA PRO A 56 0.22 16.19 21.08
C PRO A 56 -0.58 14.90 21.17
N VAL A 57 -0.05 13.82 20.61
CA VAL A 57 -0.76 12.55 20.68
C VAL A 57 0.08 11.55 21.47
N HIS A 58 -0.60 10.66 22.19
CA HIS A 58 0.04 9.65 23.01
C HIS A 58 0.33 8.41 22.16
N ILE A 59 1.59 8.24 21.76
CA ILE A 59 1.98 7.12 20.92
C ILE A 59 2.26 5.81 21.66
N TRP A 60 2.73 5.92 22.89
CA TRP A 60 2.98 4.73 23.70
C TRP A 60 3.06 5.10 25.17
N ASP A 61 3.03 4.08 26.04
CA ASP A 61 3.06 4.33 27.48
C ASP A 61 4.01 3.40 28.21
N MET A 62 4.91 3.98 29.01
CA MET A 62 5.89 3.20 29.77
C MET A 62 5.20 2.24 30.73
N THR A 63 4.36 2.80 31.59
CA THR A 63 3.60 2.04 32.58
C THR A 63 3.18 0.68 32.05
N THR A 64 2.25 0.70 31.09
CA THR A 64 1.72 -0.51 30.48
C THR A 64 2.63 -1.16 29.45
N GLY A 65 3.40 -0.36 28.74
CA GLY A 65 4.30 -0.89 27.72
C GLY A 65 3.56 -1.04 26.40
N THR A 66 2.34 -0.50 26.36
CA THR A 66 1.51 -0.55 25.17
C THR A 66 1.82 0.59 24.22
N VAL A 67 1.86 0.27 22.93
CA VAL A 67 2.13 1.26 21.91
C VAL A 67 0.93 1.35 20.96
N ALA A 68 0.58 2.58 20.57
CA ALA A 68 -0.56 2.82 19.69
C ALA A 68 -0.34 2.48 18.22
N SER A 69 -1.46 2.27 17.54
CA SER A 69 -1.46 1.99 16.11
C SER A 69 -2.04 3.27 15.54
N PHE A 70 -1.53 3.70 14.38
CA PHE A 70 -2.07 4.93 13.80
C PHE A 70 -2.17 4.83 12.29
N GLU A 71 -2.88 5.81 11.73
CA GLU A 71 -3.08 5.91 10.30
C GLU A 71 -3.25 7.37 9.94
N THR A 72 -2.68 7.78 8.82
CA THR A 72 -2.81 9.16 8.37
C THR A 72 -2.98 9.12 6.87
N ARG A 73 -3.73 10.09 6.35
CA ARG A 73 -4.00 10.18 4.92
C ARG A 73 -4.02 11.65 4.54
N PHE A 74 -3.40 11.97 3.41
CA PHE A 74 -3.39 13.35 2.94
C PHE A 74 -3.17 13.40 1.46
N SER A 75 -3.52 14.52 0.85
CA SER A 75 -3.37 14.72 -0.58
C SER A 75 -2.49 15.93 -0.80
N PHE A 76 -1.61 15.83 -1.78
CA PHE A 76 -0.71 16.94 -2.07
C PHE A 76 -0.33 16.95 -3.54
N SER A 77 0.29 18.04 -3.95
CA SER A 77 0.76 18.17 -5.31
C SER A 77 2.07 18.94 -5.30
N ILE A 78 3.02 18.48 -6.09
CA ILE A 78 4.30 19.13 -6.23
C ILE A 78 4.38 19.54 -7.68
N GLU A 79 4.65 20.82 -7.92
CA GLU A 79 4.78 21.30 -9.29
C GLU A 79 6.18 21.83 -9.46
N GLN A 80 6.89 21.30 -10.45
CA GLN A 80 8.27 21.71 -10.73
C GLN A 80 8.22 22.50 -12.02
N PRO A 81 8.11 23.83 -11.90
CA PRO A 81 8.04 24.72 -13.07
C PRO A 81 9.29 25.01 -13.87
N TYR A 82 10.47 24.89 -13.25
CA TYR A 82 11.71 25.20 -13.96
C TYR A 82 12.46 23.99 -14.51
N THR A 83 13.06 24.19 -15.68
CA THR A 83 13.83 23.15 -16.37
C THR A 83 15.17 22.96 -15.66
N ARG A 84 15.78 24.07 -15.28
CA ARG A 84 17.04 24.08 -14.55
C ARG A 84 17.00 25.32 -13.67
N PRO A 85 17.66 25.27 -12.50
CA PRO A 85 18.41 24.14 -11.98
C PRO A 85 17.44 23.03 -11.53
N LEU A 86 17.98 21.96 -10.96
CA LEU A 86 17.15 20.86 -10.49
C LEU A 86 16.24 21.31 -9.34
N PRO A 87 14.98 20.87 -9.35
CA PRO A 87 14.05 21.26 -8.28
C PRO A 87 14.44 20.61 -6.95
N ALA A 88 13.98 21.21 -5.85
CA ALA A 88 14.25 20.74 -4.49
C ALA A 88 13.24 21.37 -3.53
N ASP A 89 13.05 20.83 -2.32
CA ASP A 89 13.74 19.65 -1.84
C ASP A 89 12.80 18.48 -1.57
N GLY A 90 11.56 18.78 -1.19
CA GLY A 90 10.56 17.75 -0.91
C GLY A 90 9.68 18.06 0.28
N LEU A 91 8.85 17.09 0.69
CA LEU A 91 7.97 17.27 1.85
C LEU A 91 7.96 15.99 2.71
N VAL A 92 7.61 16.13 3.98
CA VAL A 92 7.58 14.99 4.91
C VAL A 92 6.43 14.99 5.88
N PHE A 93 5.99 13.80 6.24
CA PHE A 93 4.98 13.64 7.27
C PHE A 93 5.87 13.18 8.42
N PHE A 94 5.76 13.81 9.58
CA PHE A 94 6.62 13.41 10.67
C PHE A 94 6.02 13.49 12.06
N MET A 95 6.63 12.74 12.95
CA MET A 95 6.25 12.70 14.35
C MET A 95 7.55 12.92 15.11
N GLY A 96 7.50 13.81 16.11
CA GLY A 96 8.70 14.07 16.88
C GLY A 96 8.38 14.67 18.23
N PRO A 97 9.41 15.12 18.94
CA PRO A 97 9.25 15.72 20.26
C PRO A 97 8.27 16.89 20.18
N THR A 98 7.54 17.13 21.26
CA THR A 98 6.56 18.21 21.31
C THR A 98 7.23 19.57 21.46
N LYS A 99 6.48 20.64 21.21
CA LYS A 99 6.99 22.00 21.33
C LYS A 99 8.23 22.24 20.49
N SER A 100 8.30 21.58 19.33
CA SER A 100 9.46 21.74 18.45
C SER A 100 9.29 22.88 17.46
N LYS A 101 10.43 23.37 16.97
CA LYS A 101 10.48 24.44 16.00
C LYS A 101 11.14 23.87 14.73
N PRO A 102 10.95 24.52 13.58
CA PRO A 102 11.58 23.94 12.40
C PRO A 102 13.10 23.86 12.51
N ALA A 103 13.67 22.77 12.03
CA ALA A 103 15.10 22.55 12.08
C ALA A 103 15.73 23.14 10.82
N GLN A 104 16.74 22.45 10.27
CA GLN A 104 17.41 22.93 9.05
C GLN A 104 16.55 22.71 7.81
N GLY A 105 16.62 23.64 6.87
CA GLY A 105 15.85 23.52 5.65
C GLY A 105 16.56 22.68 4.59
N TYR A 106 16.27 22.97 3.33
CA TYR A 106 16.83 22.25 2.18
C TYR A 106 16.64 20.74 2.34
N GLY A 107 17.69 19.98 2.03
CA GLY A 107 17.62 18.53 2.12
C GLY A 107 17.26 17.96 3.48
N TYR A 108 17.29 18.80 4.51
CA TYR A 108 16.96 18.33 5.86
C TYR A 108 15.46 18.43 6.08
N LEU A 109 14.76 18.91 5.05
CA LEU A 109 13.31 19.04 5.05
C LEU A 109 12.68 19.72 6.26
N GLY A 110 13.49 20.42 7.04
CA GLY A 110 12.97 21.13 8.20
C GLY A 110 12.71 20.29 9.45
N ILE A 111 13.20 19.05 9.47
CA ILE A 111 12.99 18.22 10.65
C ILE A 111 14.28 17.63 11.23
N PHE A 112 15.40 17.88 10.58
CA PHE A 112 16.70 17.41 11.07
C PHE A 112 17.71 18.55 10.98
N ASN A 113 18.75 18.48 11.80
CA ASN A 113 19.80 19.50 11.80
C ASN A 113 21.02 19.09 10.97
N ASN A 114 21.13 17.80 10.68
CA ASN A 114 22.20 17.27 9.85
C ASN A 114 21.87 15.82 9.48
N SER A 115 22.72 15.18 8.69
CA SER A 115 22.46 13.82 8.24
C SER A 115 22.85 12.70 9.18
N LYS A 116 23.25 13.04 10.40
CA LYS A 116 23.65 12.04 11.39
C LYS A 116 22.52 11.16 11.89
N GLN A 117 22.77 9.87 12.05
CA GLN A 117 21.74 9.00 12.61
C GLN A 117 21.97 9.09 14.11
N ASP A 118 21.05 9.75 14.80
CA ASP A 118 21.17 9.93 16.24
C ASP A 118 19.84 9.69 16.94
N ASN A 119 19.84 8.80 17.93
CA ASN A 119 18.62 8.48 18.68
C ASN A 119 18.02 9.68 19.40
N SER A 120 18.82 10.69 19.70
CA SER A 120 18.31 11.86 20.39
C SER A 120 17.41 12.72 19.51
N TYR A 121 17.35 12.42 18.22
CA TYR A 121 16.49 13.18 17.31
C TYR A 121 15.03 12.84 17.61
N GLN A 122 14.80 11.59 18.01
CA GLN A 122 13.46 11.08 18.34
C GLN A 122 12.46 11.53 17.27
N THR A 123 12.81 11.25 16.02
CA THR A 123 11.97 11.65 14.91
C THR A 123 11.74 10.53 13.91
N LEU A 124 10.49 10.38 13.50
CA LEU A 124 10.08 9.38 12.52
C LEU A 124 9.41 10.15 11.39
N GLY A 125 9.81 9.87 10.15
CA GLY A 125 9.20 10.56 9.04
C GLY A 125 9.11 9.71 7.80
N VAL A 126 8.13 10.03 6.97
CA VAL A 126 7.93 9.37 5.70
C VAL A 126 8.06 10.54 4.76
N GLU A 127 9.17 10.54 4.01
CA GLU A 127 9.47 11.63 3.10
C GLU A 127 9.16 11.37 1.63
N PHE A 128 9.00 12.46 0.91
CA PHE A 128 8.76 12.47 -0.52
C PHE A 128 9.84 13.46 -0.97
N ASP A 129 11.02 12.88 -1.14
CA ASP A 129 12.25 13.57 -1.50
C ASP A 129 12.39 13.79 -3.00
N THR A 130 12.58 15.04 -3.40
CA THR A 130 12.70 15.38 -4.81
C THR A 130 14.11 15.77 -5.27
N PHE A 131 15.05 15.83 -4.33
CA PHE A 131 16.42 16.19 -4.67
C PHE A 131 17.39 15.20 -4.04
N SER A 132 18.36 14.74 -4.84
CA SER A 132 19.33 13.77 -4.36
C SER A 132 20.57 14.35 -3.68
N ASN A 133 20.58 14.32 -2.35
CA ASN A 133 21.72 14.81 -1.59
C ASN A 133 22.77 13.70 -1.47
N PRO A 134 23.91 13.99 -0.82
CA PRO A 134 24.95 12.97 -0.67
C PRO A 134 24.46 11.69 -0.02
N TRP A 135 23.53 11.81 0.92
CA TRP A 135 23.00 10.66 1.64
C TRP A 135 21.83 9.97 0.95
N ASP A 136 21.40 10.50 -0.19
CA ASP A 136 20.28 9.93 -0.93
C ASP A 136 20.68 8.96 -2.01
N PRO A 137 19.74 8.12 -2.45
CA PRO A 137 20.04 7.18 -3.53
C PRO A 137 20.05 8.08 -4.77
N PRO A 138 20.48 7.56 -5.93
CA PRO A 138 20.51 8.41 -7.12
C PRO A 138 19.14 8.86 -7.65
N GLN A 139 18.13 8.01 -7.48
CA GLN A 139 16.79 8.30 -7.98
C GLN A 139 15.92 9.25 -7.18
N VAL A 140 15.27 10.17 -7.90
CA VAL A 140 14.34 11.11 -7.31
C VAL A 140 13.23 11.38 -8.31
N PRO A 141 12.01 11.64 -7.81
CA PRO A 141 11.72 11.66 -6.38
C PRO A 141 11.67 10.25 -5.83
N HIS A 142 11.67 10.12 -4.52
CA HIS A 142 11.59 8.81 -3.89
C HIS A 142 10.88 8.93 -2.55
N ILE A 143 10.22 7.85 -2.15
CA ILE A 143 9.56 7.79 -0.86
C ILE A 143 10.64 7.20 0.03
N GLY A 144 10.73 7.66 1.27
CA GLY A 144 11.73 7.13 2.17
C GLY A 144 11.21 7.10 3.58
N ILE A 145 11.62 6.09 4.34
CA ILE A 145 11.20 5.99 5.73
C ILE A 145 12.38 6.44 6.56
N ASP A 146 12.19 7.54 7.28
CA ASP A 146 13.23 8.15 8.10
C ASP A 146 13.10 7.87 9.58
N VAL A 147 14.09 7.16 10.13
CA VAL A 147 14.10 6.82 11.54
C VAL A 147 15.29 7.49 12.23
N ASN A 148 15.05 8.61 12.88
CA ASN A 148 16.10 9.37 13.57
C ASN A 148 17.21 9.83 12.64
N SER A 149 16.90 9.95 11.35
CA SER A 149 17.90 10.39 10.40
C SER A 149 17.30 10.69 9.04
N ILE A 150 17.93 11.63 8.32
CA ILE A 150 17.50 12.00 7.00
C ILE A 150 17.98 10.92 6.04
N ARG A 151 18.91 10.09 6.50
CA ARG A 151 19.41 9.00 5.66
C ARG A 151 18.42 7.84 5.89
N SER A 152 17.45 7.73 5.00
CA SER A 152 16.40 6.71 5.07
C SER A 152 16.89 5.29 5.25
N ILE A 153 16.13 4.47 5.98
CA ILE A 153 16.50 3.06 6.17
C ILE A 153 15.92 2.26 5.02
N LYS A 154 14.94 2.84 4.33
CA LYS A 154 14.29 2.18 3.22
C LYS A 154 13.87 3.24 2.21
N THR A 155 14.07 2.95 0.93
CA THR A 155 13.75 3.89 -0.12
C THR A 155 12.98 3.28 -1.29
N GLN A 156 12.08 4.05 -1.89
CA GLN A 156 11.30 3.57 -3.03
C GLN A 156 11.11 4.68 -4.07
N PRO A 157 11.74 4.52 -5.24
CA PRO A 157 11.62 5.53 -6.30
C PRO A 157 10.20 5.59 -6.84
N PHE A 158 9.77 6.76 -7.26
CA PHE A 158 8.46 6.90 -7.85
C PHE A 158 8.55 8.01 -8.89
N GLN A 159 7.64 7.96 -9.87
CA GLN A 159 7.64 8.94 -10.93
C GLN A 159 6.66 10.06 -10.61
N LEU A 160 7.16 11.29 -10.64
CA LEU A 160 6.32 12.45 -10.35
C LEU A 160 5.37 12.77 -11.50
N ASP A 161 4.11 13.02 -11.17
CA ASP A 161 3.15 13.41 -12.18
C ASP A 161 3.10 14.93 -11.93
N ASN A 162 4.07 15.63 -12.50
CA ASN A 162 4.23 17.08 -12.31
C ASN A 162 2.92 17.87 -12.21
N GLY A 163 2.76 18.58 -11.08
CA GLY A 163 1.59 19.39 -10.86
C GLY A 163 0.30 18.70 -10.48
N GLN A 164 0.27 17.37 -10.57
CA GLN A 164 -0.95 16.63 -10.24
C GLN A 164 -1.07 16.17 -8.79
N VAL A 165 -2.31 15.92 -8.37
CA VAL A 165 -2.61 15.50 -7.01
C VAL A 165 -2.31 14.04 -6.71
N ALA A 166 -1.65 13.79 -5.58
CA ALA A 166 -1.31 12.43 -5.18
C ALA A 166 -2.02 12.12 -3.86
N ASN A 167 -2.45 10.87 -3.68
CA ASN A 167 -3.09 10.49 -2.42
C ASN A 167 -2.13 9.62 -1.66
N VAL A 168 -1.99 9.91 -0.36
CA VAL A 168 -1.08 9.14 0.46
C VAL A 168 -1.79 8.49 1.64
N VAL A 169 -1.39 7.26 1.94
CA VAL A 169 -1.95 6.54 3.07
C VAL A 169 -0.75 5.95 3.78
N ILE A 170 -0.59 6.30 5.06
CA ILE A 170 0.50 5.78 5.88
C ILE A 170 -0.16 5.09 7.06
N LYS A 171 0.20 3.83 7.28
CA LYS A 171 -0.39 3.06 8.37
C LYS A 171 0.66 2.33 9.21
N TYR A 172 0.46 2.32 10.52
CA TYR A 172 1.39 1.63 11.40
C TYR A 172 0.65 0.65 12.30
N ASP A 173 1.09 -0.59 12.28
CA ASP A 173 0.50 -1.67 13.07
C ASP A 173 1.42 -2.00 14.24
N ALA A 174 1.02 -1.61 15.45
CA ALA A 174 1.83 -1.89 16.63
C ALA A 174 2.09 -3.38 16.79
N SER A 175 1.09 -4.20 16.49
CA SER A 175 1.22 -5.66 16.62
C SER A 175 2.44 -6.21 15.90
N SER A 176 2.55 -5.94 14.60
CA SER A 176 3.66 -6.41 13.79
C SER A 176 4.81 -5.41 13.71
N LYS A 177 4.56 -4.18 14.16
CA LYS A 177 5.55 -3.11 14.12
C LYS A 177 5.84 -2.76 12.67
N ILE A 178 4.86 -2.95 11.81
CA ILE A 178 5.03 -2.63 10.39
C ILE A 178 4.48 -1.27 10.00
N LEU A 179 5.33 -0.48 9.34
CA LEU A 179 4.91 0.82 8.87
C LEU A 179 4.77 0.67 7.35
N HIS A 180 3.54 0.73 6.85
CA HIS A 180 3.33 0.63 5.42
C HIS A 180 2.74 1.93 4.88
N ALA A 181 3.36 2.43 3.82
CA ALA A 181 2.92 3.66 3.18
C ALA A 181 2.62 3.37 1.73
N VAL A 182 1.64 4.08 1.18
CA VAL A 182 1.27 3.92 -0.20
C VAL A 182 0.99 5.28 -0.83
N LEU A 183 1.43 5.45 -2.08
CA LEU A 183 1.23 6.69 -2.81
C LEU A 183 0.47 6.35 -4.09
N VAL A 184 -0.57 7.13 -4.37
CA VAL A 184 -1.36 6.89 -5.57
C VAL A 184 -1.59 8.17 -6.36
N TYR A 185 -1.49 8.06 -7.67
CA TYR A 185 -1.72 9.19 -8.56
C TYR A 185 -2.99 8.89 -9.34
N PRO A 186 -4.14 9.43 -8.90
CA PRO A 186 -5.42 9.19 -9.58
C PRO A 186 -5.32 9.48 -11.09
N SER A 187 -4.68 10.59 -11.42
CA SER A 187 -4.53 11.00 -12.81
C SER A 187 -3.93 9.92 -13.72
N SER A 188 -2.84 9.30 -13.30
CA SER A 188 -2.19 8.28 -14.12
C SER A 188 -2.46 6.87 -13.63
N GLY A 189 -3.04 6.74 -12.44
CA GLY A 189 -3.32 5.43 -11.91
C GLY A 189 -2.10 4.75 -11.32
N ALA A 190 -0.98 5.46 -11.23
CA ALA A 190 0.24 4.89 -10.67
C ALA A 190 0.04 4.59 -9.18
N ILE A 191 0.60 3.47 -8.74
CA ILE A 191 0.52 3.07 -7.34
C ILE A 191 1.91 2.65 -6.86
N TYR A 192 2.34 3.25 -5.76
CA TYR A 192 3.65 2.92 -5.21
C TYR A 192 3.43 2.50 -3.76
N THR A 193 4.20 1.51 -3.34
CA THR A 193 4.06 1.01 -1.99
C THR A 193 5.44 0.81 -1.37
N ILE A 194 5.51 0.97 -0.06
CA ILE A 194 6.76 0.78 0.66
C ILE A 194 6.45 0.38 2.10
N ALA A 195 7.24 -0.54 2.64
CA ALA A 195 7.00 -0.99 4.00
C ALA A 195 8.29 -1.40 4.69
N GLU A 196 8.35 -1.12 5.98
CA GLU A 196 9.54 -1.46 6.76
C GLU A 196 9.14 -1.67 8.22
N ILE A 197 10.00 -2.34 8.97
CA ILE A 197 9.72 -2.58 10.38
C ILE A 197 10.30 -1.46 11.22
N VAL A 198 9.44 -0.86 12.05
CA VAL A 198 9.86 0.24 12.90
C VAL A 198 9.32 0.05 14.32
N ASP A 199 10.22 0.05 15.29
CA ASP A 199 9.81 -0.12 16.68
C ASP A 199 9.65 1.26 17.33
N VAL A 200 8.44 1.80 17.20
CA VAL A 200 8.10 3.11 17.74
C VAL A 200 8.53 3.44 19.19
N LYS A 201 8.53 2.46 20.09
CA LYS A 201 8.91 2.75 21.47
C LYS A 201 10.41 2.92 21.70
N GLN A 202 11.22 2.55 20.72
CA GLN A 202 12.67 2.70 20.81
C GLN A 202 13.10 3.84 19.92
N VAL A 203 12.14 4.61 19.43
CA VAL A 203 12.42 5.72 18.53
C VAL A 203 11.79 7.02 19.01
N LEU A 204 10.47 7.00 19.20
CA LEU A 204 9.74 8.19 19.62
C LEU A 204 9.51 8.26 21.11
N PRO A 205 9.20 9.47 21.61
CA PRO A 205 8.93 9.66 23.04
C PRO A 205 7.46 9.30 23.29
N GLU A 206 7.05 9.24 24.55
CA GLU A 206 5.67 8.88 24.87
C GLU A 206 4.65 9.80 24.18
N TRP A 207 4.91 11.09 24.20
CA TRP A 207 4.03 12.06 23.55
C TRP A 207 4.79 12.70 22.39
N VAL A 208 4.10 12.96 21.29
CA VAL A 208 4.73 13.55 20.12
C VAL A 208 3.83 14.50 19.35
N ASP A 209 4.45 15.38 18.58
CA ASP A 209 3.71 16.29 17.72
C ASP A 209 3.71 15.58 16.36
N VAL A 210 2.60 15.68 15.63
CA VAL A 210 2.52 15.09 14.30
C VAL A 210 2.33 16.26 13.34
N GLY A 211 3.04 16.22 12.21
CA GLY A 211 2.92 17.32 11.27
C GLY A 211 3.43 17.06 9.88
N LEU A 212 3.41 18.12 9.08
CA LEU A 212 3.87 18.05 7.70
C LEU A 212 4.89 19.17 7.52
N SER A 213 5.96 18.88 6.78
CA SER A 213 7.00 19.87 6.55
C SER A 213 7.48 19.82 5.10
N GLY A 214 7.81 20.99 4.55
CA GLY A 214 8.29 21.06 3.19
C GLY A 214 9.37 22.10 3.05
N ALA A 215 10.21 21.99 2.03
CA ALA A 215 11.30 22.95 1.83
C ALA A 215 11.76 23.04 0.38
N THR A 216 12.18 24.25 -0.02
CA THR A 216 12.70 24.45 -1.36
C THR A 216 14.21 24.65 -1.26
N GLY A 217 14.89 24.54 -2.40
CA GLY A 217 16.35 24.63 -2.46
C GLY A 217 17.15 25.82 -1.99
N ALA A 218 18.47 25.59 -1.92
CA ALA A 218 19.44 26.58 -1.47
C ALA A 218 19.94 27.57 -2.53
N GLN A 219 19.55 27.40 -3.78
CA GLN A 219 19.98 28.35 -4.79
C GLN A 219 18.77 28.77 -5.64
N ARG A 220 18.90 29.92 -6.30
CA ARG A 220 17.85 30.47 -7.13
C ARG A 220 17.13 29.48 -8.04
N ASP A 221 15.81 29.47 -7.94
CA ASP A 221 14.95 28.62 -8.76
C ASP A 221 15.03 27.11 -8.51
N ALA A 222 15.77 26.70 -7.48
CA ALA A 222 15.83 25.28 -7.15
C ALA A 222 14.61 25.17 -6.25
N ALA A 223 13.45 25.25 -6.87
CA ALA A 223 12.20 25.24 -6.13
C ALA A 223 11.09 24.45 -6.82
N GLU A 224 10.05 24.21 -6.05
CA GLU A 224 8.89 23.49 -6.50
C GLU A 224 7.79 23.83 -5.51
N THR A 225 6.60 23.34 -5.79
CA THR A 225 5.45 23.59 -4.97
C THR A 225 5.27 22.46 -3.95
N HIS A 226 4.67 22.77 -2.80
CA HIS A 226 4.41 21.73 -1.79
C HIS A 226 3.04 22.03 -1.18
N ASP A 227 1.99 21.78 -1.97
CA ASP A 227 0.61 22.04 -1.56
C ASP A 227 -0.10 20.82 -1.03
N VAL A 228 -0.84 21.00 0.07
CA VAL A 228 -1.59 19.91 0.69
C VAL A 228 -3.06 20.30 0.69
N TYR A 229 -3.92 19.41 0.20
CA TYR A 229 -5.35 19.71 0.11
C TYR A 229 -6.23 19.14 1.23
N SER A 230 -5.79 18.06 1.85
CA SER A 230 -6.55 17.45 2.92
C SER A 230 -5.61 16.61 3.77
N TRP A 231 -6.03 16.34 5.01
CA TRP A 231 -5.20 15.57 5.93
C TRP A 231 -6.03 15.04 7.09
N SER A 232 -5.91 13.75 7.36
CA SER A 232 -6.65 13.13 8.46
C SER A 232 -5.66 12.26 9.21
N PHE A 233 -5.93 12.05 10.50
CA PHE A 233 -5.05 11.26 11.34
C PHE A 233 -5.87 10.58 12.44
N GLN A 234 -5.40 9.42 12.88
CA GLN A 234 -6.07 8.70 13.95
C GLN A 234 -5.10 7.72 14.56
N ALA A 235 -5.16 7.61 15.88
CA ALA A 235 -4.28 6.71 16.62
C ALA A 235 -5.08 6.11 17.78
N SER A 236 -4.78 4.84 18.08
CA SER A 236 -5.46 4.16 19.16
C SER A 236 -4.48 3.51 20.13
N LEU A 237 -4.51 3.97 21.37
CA LEU A 237 -3.63 3.45 22.40
C LEU A 237 -4.44 2.51 23.31
N PRO A 238 -4.21 1.19 23.21
CA PRO A 238 -4.96 0.25 24.04
C PRO A 238 -4.87 0.60 25.53
N GLU A 239 -6.04 0.74 26.15
CA GLU A 239 -6.19 1.09 27.57
C GLU A 239 -5.98 2.58 27.84
N VAL B 1 21.96 -13.34 -10.52
CA VAL B 1 20.57 -13.14 -10.02
C VAL B 1 19.56 -13.84 -10.94
N GLU B 2 18.73 -14.68 -10.35
CA GLU B 2 17.72 -15.41 -11.11
C GLU B 2 16.40 -14.64 -11.13
N THR B 3 15.92 -14.28 -12.32
CA THR B 3 14.70 -13.50 -12.45
C THR B 3 13.66 -14.06 -13.41
N ILE B 4 12.41 -13.99 -12.99
CA ILE B 4 11.28 -14.44 -13.79
C ILE B 4 10.42 -13.19 -13.90
N SER B 5 9.73 -13.01 -15.02
CA SER B 5 8.92 -11.82 -15.19
C SER B 5 7.97 -11.88 -16.38
N PHE B 6 6.69 -11.66 -16.13
CA PHE B 6 5.71 -11.65 -17.21
C PHE B 6 4.73 -10.51 -17.02
N SER B 7 4.05 -10.14 -18.10
CA SER B 7 3.10 -9.05 -18.05
C SER B 7 2.00 -9.25 -19.09
N PHE B 8 0.77 -8.95 -18.71
CA PHE B 8 -0.38 -9.09 -19.60
C PHE B 8 -1.22 -7.82 -19.56
N SER B 9 -1.12 -7.02 -20.61
CA SER B 9 -1.87 -5.77 -20.71
C SER B 9 -3.33 -6.16 -20.90
N GLU B 10 -3.53 -7.37 -21.39
CA GLU B 10 -4.86 -7.92 -21.62
C GLU B 10 -4.64 -9.39 -21.94
N PHE B 11 -5.73 -10.13 -22.08
CA PHE B 11 -5.62 -11.56 -22.36
C PHE B 11 -6.17 -11.89 -23.74
N GLU B 12 -5.59 -12.93 -24.36
CA GLU B 12 -6.02 -13.39 -25.66
C GLU B 12 -6.09 -14.91 -25.65
N PRO B 13 -7.16 -15.47 -26.22
CA PRO B 13 -7.37 -16.92 -26.28
C PRO B 13 -6.19 -17.68 -26.86
N GLY B 14 -5.86 -18.81 -26.25
CA GLY B 14 -4.76 -19.61 -26.75
C GLY B 14 -3.35 -19.28 -26.32
N ASN B 15 -3.15 -18.15 -25.64
CA ASN B 15 -1.81 -17.80 -25.19
C ASN B 15 -1.25 -18.94 -24.35
N ASP B 16 -0.27 -19.65 -24.90
CA ASP B 16 0.34 -20.78 -24.24
C ASP B 16 1.13 -20.49 -22.97
N ASN B 17 1.20 -19.22 -22.56
CA ASN B 17 1.92 -18.86 -21.34
C ASN B 17 1.01 -18.95 -20.11
N LEU B 18 -0.26 -19.31 -20.34
CA LEU B 18 -1.24 -19.43 -19.28
C LEU B 18 -1.96 -20.78 -19.25
N THR B 19 -2.06 -21.36 -18.06
CA THR B 19 -2.76 -22.62 -17.88
C THR B 19 -4.13 -22.31 -17.26
N LEU B 20 -5.20 -22.69 -17.96
CA LEU B 20 -6.54 -22.47 -17.47
C LEU B 20 -7.12 -23.76 -16.89
N GLN B 21 -7.79 -23.63 -15.75
CA GLN B 21 -8.37 -24.79 -15.09
C GLN B 21 -9.81 -24.51 -14.71
N GLY B 22 -10.63 -25.56 -14.75
CA GLY B 22 -12.03 -25.41 -14.38
C GLY B 22 -12.77 -24.51 -15.33
N ALA B 23 -13.52 -23.57 -14.75
CA ALA B 23 -14.33 -22.62 -15.53
C ALA B 23 -13.56 -21.46 -16.17
N ALA B 24 -12.32 -21.23 -15.76
CA ALA B 24 -11.51 -20.14 -16.28
C ALA B 24 -11.61 -20.04 -17.81
N LEU B 25 -11.95 -18.86 -18.30
CA LEU B 25 -12.12 -18.66 -19.73
C LEU B 25 -11.70 -17.25 -20.15
N ILE B 26 -11.16 -17.14 -21.36
CA ILE B 26 -10.75 -15.83 -21.87
C ILE B 26 -11.69 -15.41 -23.00
N THR B 27 -12.47 -14.36 -22.78
CA THR B 27 -13.40 -13.88 -23.79
C THR B 27 -12.64 -13.28 -24.97
N GLN B 28 -13.36 -13.10 -26.08
CA GLN B 28 -12.76 -12.54 -27.27
C GLN B 28 -12.46 -11.07 -27.05
N SER B 29 -13.13 -10.46 -26.07
CA SER B 29 -12.90 -9.06 -25.75
C SER B 29 -11.66 -8.84 -24.89
N GLY B 30 -10.90 -9.91 -24.63
CA GLY B 30 -9.67 -9.80 -23.86
C GLY B 30 -9.70 -9.99 -22.34
N VAL B 31 -10.88 -10.15 -21.76
CA VAL B 31 -10.97 -10.34 -20.32
C VAL B 31 -11.01 -11.80 -19.85
N LEU B 32 -10.30 -12.07 -18.77
CA LEU B 32 -10.22 -13.40 -18.17
C LEU B 32 -11.34 -13.62 -17.14
N GLN B 33 -12.27 -14.51 -17.45
CA GLN B 33 -13.39 -14.80 -16.54
C GLN B 33 -13.07 -16.05 -15.74
N LEU B 34 -12.73 -15.87 -14.46
CA LEU B 34 -12.39 -17.00 -13.60
C LEU B 34 -13.56 -17.94 -13.38
N THR B 35 -14.74 -17.38 -13.14
CA THR B 35 -15.93 -18.19 -12.92
C THR B 35 -16.96 -17.99 -14.03
N LYS B 36 -17.71 -19.05 -14.29
CA LYS B 36 -18.72 -19.08 -15.34
C LYS B 36 -19.78 -17.98 -15.36
N ILE B 37 -20.04 -17.49 -16.57
CA ILE B 37 -21.05 -16.48 -16.79
C ILE B 37 -22.00 -17.07 -17.84
N ASN B 38 -23.27 -17.27 -17.45
CA ASN B 38 -24.27 -17.82 -18.36
C ASN B 38 -24.42 -16.95 -19.59
N GLN B 39 -25.03 -17.48 -20.65
CA GLN B 39 -25.20 -16.73 -21.88
C GLN B 39 -26.14 -15.55 -21.76
N ASN B 40 -26.88 -15.47 -20.64
CA ASN B 40 -27.79 -14.36 -20.43
C ASN B 40 -27.04 -13.26 -19.67
N GLY B 41 -25.73 -13.45 -19.51
CA GLY B 41 -24.90 -12.46 -18.83
C GLY B 41 -24.77 -12.56 -17.32
N MET B 42 -25.61 -13.37 -16.69
CA MET B 42 -25.57 -13.53 -15.23
C MET B 42 -24.50 -14.52 -14.79
N PRO B 43 -23.87 -14.27 -13.63
CA PRO B 43 -22.82 -15.18 -13.13
C PRO B 43 -23.48 -16.48 -12.63
N ALA B 44 -22.81 -17.60 -12.86
CA ALA B 44 -23.35 -18.89 -12.45
C ALA B 44 -22.82 -19.35 -11.11
N TRP B 45 -23.70 -19.93 -10.28
CA TRP B 45 -23.27 -20.45 -8.99
C TRP B 45 -22.58 -21.80 -9.20
N ASP B 46 -22.02 -22.34 -8.11
CA ASP B 46 -21.34 -23.62 -8.15
C ASP B 46 -20.29 -23.63 -9.25
N SER B 47 -19.43 -22.61 -9.27
CA SER B 47 -18.39 -22.49 -10.28
C SER B 47 -17.03 -22.23 -9.66
N THR B 48 -15.99 -22.80 -10.25
CA THR B 48 -14.62 -22.65 -9.78
C THR B 48 -13.68 -22.62 -10.98
N GLY B 49 -12.77 -21.63 -11.00
CA GLY B 49 -11.83 -21.53 -12.10
C GLY B 49 -10.51 -20.96 -11.63
N ARG B 50 -9.42 -21.38 -12.25
CA ARG B 50 -8.10 -20.88 -11.88
C ARG B 50 -7.24 -20.65 -13.13
N THR B 51 -6.21 -19.83 -12.97
CA THR B 51 -5.28 -19.54 -14.07
C THR B 51 -3.90 -19.51 -13.47
N LEU B 52 -2.97 -20.24 -14.08
CA LEU B 52 -1.60 -20.28 -13.58
C LEU B 52 -0.63 -19.89 -14.68
N TYR B 53 0.58 -19.53 -14.28
CA TYR B 53 1.60 -19.19 -15.26
C TYR B 53 2.18 -20.55 -15.64
N ALA B 54 2.32 -20.80 -16.94
CA ALA B 54 2.83 -22.08 -17.43
C ALA B 54 4.18 -22.50 -16.86
N LYS B 55 4.98 -21.54 -16.41
CA LYS B 55 6.29 -21.87 -15.86
C LYS B 55 6.39 -21.60 -14.36
N PRO B 56 6.94 -22.57 -13.60
CA PRO B 56 7.10 -22.42 -12.15
C PRO B 56 8.18 -21.38 -11.88
N VAL B 57 8.12 -20.73 -10.72
CA VAL B 57 9.12 -19.73 -10.41
C VAL B 57 9.91 -20.19 -9.20
N HIS B 58 11.21 -19.90 -9.22
CA HIS B 58 12.11 -20.27 -8.15
C HIS B 58 11.95 -19.17 -7.10
N ILE B 59 11.30 -19.50 -5.98
CA ILE B 59 11.09 -18.51 -4.93
C ILE B 59 12.21 -18.43 -3.90
N TRP B 60 12.82 -19.56 -3.57
CA TRP B 60 13.94 -19.58 -2.63
C TRP B 60 14.84 -20.79 -2.93
N ASP B 61 16.03 -20.83 -2.33
CA ASP B 61 16.98 -21.93 -2.58
C ASP B 61 17.65 -22.43 -1.30
N MET B 62 17.60 -23.75 -1.10
CA MET B 62 18.20 -24.38 0.09
C MET B 62 19.70 -24.14 0.20
N THR B 63 20.45 -24.65 -0.78
CA THR B 63 21.90 -24.51 -0.79
C THR B 63 22.37 -23.11 -0.39
N THR B 64 22.00 -22.12 -1.17
CA THR B 64 22.40 -20.73 -0.91
C THR B 64 21.68 -20.10 0.29
N GLY B 65 20.51 -20.64 0.65
CA GLY B 65 19.76 -20.11 1.77
C GLY B 65 19.08 -18.76 1.53
N THR B 66 19.04 -18.32 0.27
CA THR B 66 18.41 -17.05 -0.06
C THR B 66 16.98 -17.22 -0.55
N VAL B 67 16.19 -16.16 -0.38
CA VAL B 67 14.80 -16.16 -0.79
C VAL B 67 14.52 -14.94 -1.68
N ALA B 68 13.70 -15.14 -2.70
CA ALA B 68 13.37 -14.08 -3.64
C ALA B 68 12.36 -13.05 -3.15
N SER B 69 12.41 -11.88 -3.76
CA SER B 69 11.48 -10.79 -3.49
C SER B 69 10.62 -10.77 -4.72
N PHE B 70 9.33 -10.52 -4.56
CA PHE B 70 8.45 -10.50 -5.72
C PHE B 70 7.40 -9.41 -5.63
N GLU B 71 6.74 -9.17 -6.75
CA GLU B 71 5.70 -8.18 -6.86
C GLU B 71 4.72 -8.65 -7.94
N THR B 72 3.44 -8.41 -7.71
CA THR B 72 2.43 -8.79 -8.70
C THR B 72 1.40 -7.68 -8.70
N ARG B 73 0.81 -7.45 -9.86
CA ARG B 73 -0.21 -6.41 -10.01
C ARG B 73 -1.26 -6.95 -10.94
N PHE B 74 -2.52 -6.67 -10.64
CA PHE B 74 -3.61 -7.11 -11.50
C PHE B 74 -4.85 -6.28 -11.25
N SER B 75 -5.74 -6.27 -12.24
CA SER B 75 -6.99 -5.52 -12.13
C SER B 75 -8.13 -6.49 -12.27
N PHE B 76 -9.19 -6.27 -11.50
CA PHE B 76 -10.33 -7.15 -11.56
C PHE B 76 -11.60 -6.41 -11.19
N SER B 77 -12.72 -7.05 -11.44
CA SER B 77 -14.01 -6.47 -11.07
C SER B 77 -14.90 -7.61 -10.62
N ILE B 78 -15.66 -7.34 -9.56
CA ILE B 78 -16.60 -8.31 -9.02
C ILE B 78 -17.96 -7.62 -9.11
N GLU B 79 -18.90 -8.28 -9.76
CA GLU B 79 -20.24 -7.72 -9.88
C GLU B 79 -21.22 -8.66 -9.17
N GLN B 80 -21.99 -8.09 -8.25
CA GLN B 80 -22.97 -8.86 -7.49
C GLN B 80 -24.34 -8.39 -7.94
N PRO B 81 -24.88 -9.02 -9.00
CA PRO B 81 -26.18 -8.72 -9.61
C PRO B 81 -27.43 -9.14 -8.87
N TYR B 82 -27.34 -10.19 -8.06
CA TYR B 82 -28.54 -10.66 -7.35
C TYR B 82 -28.77 -9.98 -6.00
N THR B 83 -30.04 -9.86 -5.63
CA THR B 83 -30.45 -9.25 -4.38
C THR B 83 -30.29 -10.29 -3.27
N ARG B 84 -30.93 -11.43 -3.47
CA ARG B 84 -30.85 -12.55 -2.55
C ARG B 84 -30.58 -13.79 -3.41
N PRO B 85 -29.83 -14.75 -2.87
CA PRO B 85 -29.23 -14.73 -1.53
C PRO B 85 -27.94 -13.91 -1.54
N LEU B 86 -27.15 -14.03 -0.48
CA LEU B 86 -25.89 -13.30 -0.40
C LEU B 86 -24.89 -13.83 -1.42
N PRO B 87 -24.13 -12.93 -2.07
CA PRO B 87 -23.14 -13.34 -3.08
C PRO B 87 -21.97 -14.14 -2.46
N ALA B 88 -21.22 -14.84 -3.31
CA ALA B 88 -20.08 -15.66 -2.88
C ALA B 88 -19.28 -16.04 -4.12
N ASP B 89 -18.02 -16.46 -3.98
CA ASP B 89 -17.31 -16.60 -2.71
C ASP B 89 -16.06 -15.72 -2.66
N GLY B 90 -15.55 -15.31 -3.82
CA GLY B 90 -14.37 -14.45 -3.85
C GLY B 90 -13.28 -14.93 -4.79
N LEU B 91 -12.13 -14.27 -4.76
CA LEU B 91 -11.01 -14.67 -5.61
C LEU B 91 -9.70 -14.56 -4.85
N VAL B 92 -8.67 -15.23 -5.32
CA VAL B 92 -7.38 -15.23 -4.65
C VAL B 92 -6.18 -15.26 -5.57
N PHE B 93 -5.10 -14.69 -5.08
CA PHE B 93 -3.83 -14.74 -5.77
C PHE B 93 -3.10 -15.76 -4.89
N PHE B 94 -2.42 -16.73 -5.48
CA PHE B 94 -1.76 -17.72 -4.66
C PHE B 94 -0.48 -18.30 -5.24
N MET B 95 0.36 -18.80 -4.34
CA MET B 95 1.61 -19.43 -4.70
C MET B 95 1.60 -20.75 -3.95
N GLY B 96 1.79 -21.84 -4.69
CA GLY B 96 1.81 -23.14 -4.03
C GLY B 96 2.62 -24.16 -4.81
N PRO B 97 2.53 -25.44 -4.44
CA PRO B 97 3.25 -26.52 -5.11
C PRO B 97 2.98 -26.53 -6.61
N THR B 98 3.99 -26.92 -7.37
CA THR B 98 3.89 -26.97 -8.83
C THR B 98 3.00 -28.12 -9.31
N LYS B 99 2.46 -27.98 -10.51
CA LYS B 99 1.60 -29.01 -11.10
C LYS B 99 0.32 -29.22 -10.28
N SER B 100 -0.15 -28.16 -9.65
CA SER B 100 -1.36 -28.24 -8.83
C SER B 100 -2.66 -28.18 -9.64
N LYS B 101 -3.67 -28.86 -9.13
CA LYS B 101 -4.98 -28.88 -9.75
C LYS B 101 -5.95 -28.19 -8.80
N PRO B 102 -7.11 -27.77 -9.31
CA PRO B 102 -8.09 -27.10 -8.43
C PRO B 102 -8.47 -27.96 -7.22
N ALA B 103 -8.60 -27.32 -6.06
CA ALA B 103 -9.00 -28.01 -4.84
C ALA B 103 -10.50 -27.75 -4.65
N GLN B 104 -10.93 -27.66 -3.40
CA GLN B 104 -12.33 -27.42 -3.09
C GLN B 104 -12.77 -26.02 -3.51
N GLY B 105 -14.03 -25.88 -3.90
CA GLY B 105 -14.55 -24.58 -4.29
C GLY B 105 -15.20 -23.85 -3.13
N TYR B 106 -16.21 -23.04 -3.42
CA TYR B 106 -16.91 -22.27 -2.41
C TYR B 106 -15.93 -21.49 -1.52
N GLY B 107 -16.17 -21.48 -0.21
CA GLY B 107 -15.30 -20.75 0.71
C GLY B 107 -13.83 -21.11 0.66
N TYR B 108 -13.50 -22.25 0.07
CA TYR B 108 -12.10 -22.66 -0.02
C TYR B 108 -11.40 -22.01 -1.22
N LEU B 109 -12.19 -21.36 -2.05
CA LEU B 109 -11.70 -20.61 -3.19
C LEU B 109 -10.90 -21.37 -4.24
N GLY B 110 -10.98 -22.69 -4.22
CA GLY B 110 -10.24 -23.48 -5.19
C GLY B 110 -8.80 -23.79 -4.85
N ILE B 111 -8.33 -23.39 -3.66
CA ILE B 111 -6.95 -23.66 -3.29
C ILE B 111 -6.75 -24.47 -2.00
N PHE B 112 -7.82 -24.68 -1.23
CA PHE B 112 -7.73 -25.47 0.00
C PHE B 112 -8.79 -26.56 -0.05
N ASN B 113 -8.61 -27.61 0.76
CA ASN B 113 -9.56 -28.73 0.79
C ASN B 113 -10.51 -28.65 1.98
N ASN B 114 -10.15 -27.83 2.96
CA ASN B 114 -10.94 -27.68 4.17
C ASN B 114 -10.45 -26.46 4.95
N SER B 115 -10.92 -26.31 6.19
CA SER B 115 -10.54 -25.16 6.99
C SER B 115 -9.43 -25.44 8.01
N LYS B 116 -8.69 -26.52 7.82
CA LYS B 116 -7.60 -26.87 8.74
C LYS B 116 -6.39 -25.98 8.53
N GLN B 117 -5.55 -25.95 9.56
CA GLN B 117 -4.29 -25.22 9.50
C GLN B 117 -3.33 -26.38 9.30
N ASP B 118 -2.89 -26.57 8.06
CA ASP B 118 -2.00 -27.67 7.70
C ASP B 118 -0.80 -27.21 6.87
N ASN B 119 0.39 -27.32 7.44
CA ASN B 119 1.62 -26.91 6.77
C ASN B 119 1.93 -27.65 5.47
N SER B 120 1.26 -28.78 5.23
CA SER B 120 1.51 -29.55 4.02
C SER B 120 0.86 -28.91 2.80
N TYR B 121 0.09 -27.86 3.01
CA TYR B 121 -0.56 -27.15 1.91
C TYR B 121 0.52 -26.38 1.17
N GLN B 122 1.50 -25.88 1.93
CA GLN B 122 2.61 -25.07 1.40
C GLN B 122 2.07 -24.02 0.44
N THR B 123 0.97 -23.40 0.85
CA THR B 123 0.31 -22.38 0.04
C THR B 123 0.24 -21.02 0.71
N LEU B 124 0.42 -19.99 -0.10
CA LEU B 124 0.35 -18.61 0.37
C LEU B 124 -0.65 -17.93 -0.54
N GLY B 125 -1.54 -17.13 0.05
CA GLY B 125 -2.52 -16.45 -0.77
C GLY B 125 -3.01 -15.15 -0.19
N VAL B 126 -3.43 -14.26 -1.07
CA VAL B 126 -3.99 -12.98 -0.67
C VAL B 126 -5.40 -13.03 -1.25
N GLU B 127 -6.38 -13.22 -0.38
CA GLU B 127 -7.77 -13.36 -0.79
C GLU B 127 -8.59 -12.07 -0.76
N PHE B 128 -9.63 -12.05 -1.57
CA PHE B 128 -10.60 -10.97 -1.64
C PHE B 128 -11.86 -11.78 -1.47
N ASP B 129 -12.20 -12.01 -0.21
CA ASP B 129 -13.32 -12.82 0.23
C ASP B 129 -14.64 -12.07 0.31
N THR B 130 -15.64 -12.53 -0.43
CA THR B 130 -16.93 -11.87 -0.43
C THR B 130 -18.01 -12.53 0.42
N PHE B 131 -17.71 -13.70 1.00
CA PHE B 131 -18.69 -14.38 1.84
C PHE B 131 -18.14 -14.79 3.19
N SER B 132 -18.89 -14.47 4.24
CA SER B 132 -18.47 -14.78 5.59
C SER B 132 -18.79 -16.20 6.05
N ASN B 133 -17.77 -17.06 6.03
CA ASN B 133 -17.92 -18.43 6.46
C ASN B 133 -17.68 -18.44 7.97
N PRO B 134 -17.95 -19.57 8.65
CA PRO B 134 -17.73 -19.61 10.09
C PRO B 134 -16.31 -19.31 10.56
N TRP B 135 -15.34 -19.40 9.65
CA TRP B 135 -13.95 -19.13 10.00
C TRP B 135 -13.53 -17.72 9.62
N ASP B 136 -14.47 -16.96 9.05
CA ASP B 136 -14.20 -15.60 8.61
C ASP B 136 -14.64 -14.54 9.61
N PRO B 137 -14.07 -13.33 9.50
CA PRO B 137 -14.49 -12.27 10.42
C PRO B 137 -15.90 -11.94 9.90
N PRO B 138 -16.71 -11.22 10.68
CA PRO B 138 -18.07 -10.88 10.23
C PRO B 138 -18.16 -9.97 9.01
N GLN B 139 -17.15 -9.13 8.81
CA GLN B 139 -17.15 -8.18 7.69
C GLN B 139 -16.73 -8.74 6.33
N VAL B 140 -17.53 -8.42 5.32
CA VAL B 140 -17.25 -8.82 3.94
C VAL B 140 -17.68 -7.70 3.00
N PRO B 141 -16.97 -7.50 1.90
CA PRO B 141 -15.78 -8.28 1.56
C PRO B 141 -14.59 -7.88 2.41
N HIS B 142 -13.55 -8.71 2.41
CA HIS B 142 -12.36 -8.39 3.17
C HIS B 142 -11.13 -8.94 2.47
N ILE B 143 -10.00 -8.27 2.67
CA ILE B 143 -8.75 -8.75 2.10
C ILE B 143 -8.21 -9.62 3.21
N GLY B 144 -7.51 -10.69 2.86
CA GLY B 144 -6.94 -11.54 3.88
C GLY B 144 -5.67 -12.19 3.40
N ILE B 145 -4.72 -12.36 4.31
CA ILE B 145 -3.46 -12.99 3.96
C ILE B 145 -3.56 -14.41 4.48
N ASP B 146 -3.52 -15.37 3.55
CA ASP B 146 -3.65 -16.78 3.90
C ASP B 146 -2.34 -17.56 3.88
N VAL B 147 -1.98 -18.15 5.02
CA VAL B 147 -0.76 -18.93 5.14
C VAL B 147 -1.05 -20.35 5.61
N ASN B 148 -1.10 -21.28 4.66
CA ASN B 148 -1.36 -22.69 4.94
C ASN B 148 -2.72 -22.94 5.56
N SER B 149 -3.67 -22.06 5.28
CA SER B 149 -5.03 -22.19 5.80
C SER B 149 -5.93 -21.11 5.24
N ILE B 150 -7.22 -21.44 5.15
CA ILE B 150 -8.22 -20.50 4.65
C ILE B 150 -8.55 -19.51 5.77
N ARG B 151 -8.11 -19.82 6.98
CA ARG B 151 -8.34 -18.94 8.13
C ARG B 151 -7.20 -17.95 8.09
N SER B 152 -7.45 -16.76 7.54
CA SER B 152 -6.42 -15.74 7.41
C SER B 152 -5.71 -15.40 8.71
N ILE B 153 -4.45 -15.00 8.61
CA ILE B 153 -3.67 -14.60 9.78
C ILE B 153 -3.87 -13.10 9.96
N LYS B 154 -4.34 -12.44 8.91
CA LYS B 154 -4.57 -11.01 8.95
C LYS B 154 -5.75 -10.68 8.02
N THR B 155 -6.60 -9.78 8.46
CA THR B 155 -7.77 -9.42 7.69
C THR B 155 -8.02 -7.91 7.62
N GLN B 156 -8.52 -7.43 6.49
CA GLN B 156 -8.81 -6.01 6.33
C GLN B 156 -10.09 -5.81 5.52
N PRO B 157 -11.15 -5.30 6.17
CA PRO B 157 -12.43 -5.05 5.50
C PRO B 157 -12.29 -3.97 4.45
N PHE B 158 -13.07 -4.08 3.39
CA PHE B 158 -13.07 -3.05 2.35
C PHE B 158 -14.46 -3.00 1.77
N GLN B 159 -14.81 -1.85 1.19
CA GLN B 159 -16.12 -1.68 0.61
C GLN B 159 -16.08 -1.97 -0.88
N LEU B 160 -16.95 -2.85 -1.31
CA LEU B 160 -17.02 -3.22 -2.72
C LEU B 160 -17.67 -2.13 -3.56
N ASP B 161 -17.06 -1.82 -4.69
CA ASP B 161 -17.63 -0.85 -5.61
C ASP B 161 -18.22 -1.76 -6.70
N ASN B 162 -19.47 -2.17 -6.50
CA ASN B 162 -20.12 -3.10 -7.41
C ASN B 162 -19.88 -2.90 -8.90
N GLY B 163 -19.28 -3.91 -9.53
CA GLY B 163 -19.00 -3.84 -10.96
C GLY B 163 -17.79 -3.03 -11.41
N GLN B 164 -17.22 -2.23 -10.51
CA GLN B 164 -16.07 -1.40 -10.87
C GLN B 164 -14.74 -2.13 -10.81
N VAL B 165 -13.79 -1.65 -11.60
CA VAL B 165 -12.46 -2.22 -11.67
C VAL B 165 -11.62 -1.78 -10.48
N ALA B 166 -10.89 -2.72 -9.90
CA ALA B 166 -10.03 -2.44 -8.76
C ALA B 166 -8.61 -2.75 -9.17
N ASN B 167 -7.64 -1.97 -8.70
CA ASN B 167 -6.25 -2.24 -9.00
C ASN B 167 -5.61 -2.80 -7.75
N VAL B 168 -4.84 -3.86 -7.92
CA VAL B 168 -4.19 -4.50 -6.80
C VAL B 168 -2.69 -4.55 -6.99
N VAL B 169 -1.96 -4.32 -5.90
CA VAL B 169 -0.52 -4.39 -5.90
C VAL B 169 -0.14 -5.20 -4.67
N ILE B 170 0.56 -6.31 -4.88
CA ILE B 170 1.02 -7.18 -3.80
C ILE B 170 2.53 -7.24 -3.91
N LYS B 171 3.22 -6.89 -2.83
CA LYS B 171 4.67 -6.88 -2.83
C LYS B 171 5.28 -7.60 -1.62
N TYR B 172 6.35 -8.35 -1.86
CA TYR B 172 7.01 -9.07 -0.78
C TYR B 172 8.51 -8.75 -0.73
N ASP B 173 8.98 -8.27 0.41
CA ASP B 173 10.39 -7.94 0.62
C ASP B 173 11.04 -9.06 1.42
N ALA B 174 11.93 -9.81 0.78
CA ALA B 174 12.61 -10.90 1.47
C ALA B 174 13.40 -10.40 2.68
N SER B 175 13.97 -9.21 2.57
CA SER B 175 14.75 -8.63 3.65
C SER B 175 14.02 -8.63 4.99
N SER B 176 12.90 -7.92 5.05
CA SER B 176 12.12 -7.82 6.27
C SER B 176 10.99 -8.83 6.37
N LYS B 177 10.86 -9.67 5.34
CA LYS B 177 9.82 -10.69 5.30
C LYS B 177 8.42 -10.08 5.35
N ILE B 178 8.28 -8.87 4.83
CA ILE B 178 7.00 -8.19 4.84
C ILE B 178 6.22 -8.38 3.54
N LEU B 179 4.96 -8.75 3.68
CA LEU B 179 4.09 -8.91 2.54
C LEU B 179 3.10 -7.76 2.65
N HIS B 180 3.19 -6.78 1.75
CA HIS B 180 2.25 -5.67 1.77
C HIS B 180 1.41 -5.66 0.51
N ALA B 181 0.09 -5.58 0.71
CA ALA B 181 -0.86 -5.57 -0.39
C ALA B 181 -1.68 -4.30 -0.31
N VAL B 182 -2.06 -3.78 -1.48
CA VAL B 182 -2.87 -2.59 -1.53
C VAL B 182 -3.94 -2.77 -2.60
N LEU B 183 -5.14 -2.25 -2.32
CA LEU B 183 -6.26 -2.33 -3.23
C LEU B 183 -6.76 -0.92 -3.48
N VAL B 184 -6.94 -0.57 -4.74
CA VAL B 184 -7.41 0.76 -5.07
C VAL B 184 -8.61 0.72 -6.02
N TYR B 185 -9.56 1.62 -5.78
CA TYR B 185 -10.73 1.72 -6.63
C TYR B 185 -10.65 3.10 -7.30
N PRO B 186 -10.14 3.15 -8.54
CA PRO B 186 -10.00 4.39 -9.28
C PRO B 186 -11.32 5.17 -9.31
N SER B 187 -12.42 4.46 -9.53
CA SER B 187 -13.74 5.08 -9.59
C SER B 187 -14.10 5.94 -8.38
N SER B 188 -13.85 5.45 -7.17
CA SER B 188 -14.18 6.22 -5.97
C SER B 188 -12.97 6.79 -5.26
N GLY B 189 -11.78 6.37 -5.67
CA GLY B 189 -10.58 6.88 -5.04
C GLY B 189 -10.23 6.14 -3.76
N ALA B 190 -11.04 5.14 -3.40
CA ALA B 190 -10.82 4.35 -2.19
C ALA B 190 -9.49 3.58 -2.25
N ILE B 191 -8.78 3.58 -1.13
CA ILE B 191 -7.48 2.91 -1.00
C ILE B 191 -7.46 2.07 0.26
N TYR B 192 -7.12 0.79 0.11
CA TYR B 192 -7.07 -0.11 1.26
C TYR B 192 -5.68 -0.71 1.27
N THR B 193 -5.14 -0.89 2.47
CA THR B 193 -3.81 -1.44 2.60
C THR B 193 -3.79 -2.49 3.70
N ILE B 194 -2.90 -3.47 3.58
CA ILE B 194 -2.78 -4.52 4.57
C ILE B 194 -1.37 -5.06 4.50
N ALA B 195 -0.78 -5.35 5.65
CA ALA B 195 0.56 -5.89 5.69
C ALA B 195 0.77 -6.82 6.87
N GLU B 196 1.57 -7.86 6.63
CA GLU B 196 1.88 -8.83 7.67
C GLU B 196 3.23 -9.47 7.40
N ILE B 197 3.82 -10.06 8.41
CA ILE B 197 5.12 -10.70 8.26
C ILE B 197 4.92 -12.16 7.87
N VAL B 198 5.58 -12.55 6.79
CA VAL B 198 5.48 -13.92 6.30
C VAL B 198 6.85 -14.46 5.92
N ASP B 199 7.23 -15.59 6.49
CA ASP B 199 8.52 -16.19 6.19
C ASP B 199 8.34 -17.24 5.10
N VAL B 200 8.40 -16.78 3.85
CA VAL B 200 8.25 -17.64 2.68
C VAL B 200 9.03 -18.94 2.72
N LYS B 201 10.23 -18.86 3.29
CA LYS B 201 11.13 -20.01 3.40
C LYS B 201 10.55 -21.15 4.21
N GLN B 202 9.69 -20.82 5.18
CA GLN B 202 9.06 -21.83 6.03
C GLN B 202 7.68 -22.23 5.53
N VAL B 203 7.20 -21.58 4.48
CA VAL B 203 5.87 -21.88 3.95
C VAL B 203 5.83 -22.56 2.60
N LEU B 204 6.50 -21.96 1.62
CA LEU B 204 6.50 -22.50 0.26
C LEU B 204 7.71 -23.36 -0.10
N PRO B 205 7.54 -24.24 -1.10
CA PRO B 205 8.65 -25.10 -1.53
C PRO B 205 9.58 -24.18 -2.31
N GLU B 206 10.71 -24.69 -2.80
CA GLU B 206 11.66 -23.85 -3.55
C GLU B 206 11.07 -23.36 -4.87
N TRP B 207 10.29 -24.22 -5.52
CA TRP B 207 9.65 -23.86 -6.77
C TRP B 207 8.15 -23.88 -6.51
N VAL B 208 7.42 -22.95 -7.13
CA VAL B 208 5.97 -22.85 -6.94
C VAL B 208 5.26 -22.37 -8.19
N ASP B 209 3.96 -22.66 -8.24
CA ASP B 209 3.14 -22.17 -9.34
C ASP B 209 2.50 -20.91 -8.77
N VAL B 210 2.31 -19.90 -9.60
CA VAL B 210 1.67 -18.67 -9.17
C VAL B 210 0.40 -18.54 -10.00
N GLY B 211 -0.71 -18.19 -9.38
CA GLY B 211 -1.94 -18.07 -10.14
C GLY B 211 -3.06 -17.30 -9.46
N LEU B 212 -4.20 -17.30 -10.12
CA LEU B 212 -5.40 -16.63 -9.65
C LEU B 212 -6.52 -17.66 -9.61
N SER B 213 -7.36 -17.58 -8.58
CA SER B 213 -8.47 -18.52 -8.47
C SER B 213 -9.73 -17.82 -7.97
N GLY B 214 -10.88 -18.25 -8.48
CA GLY B 214 -12.14 -17.65 -8.07
C GLY B 214 -13.23 -18.71 -7.96
N ALA B 215 -14.24 -18.44 -7.15
CA ALA B 215 -15.33 -19.41 -6.97
C ALA B 215 -16.66 -18.76 -6.59
N THR B 216 -17.76 -19.38 -7.03
CA THR B 216 -19.08 -18.88 -6.69
C THR B 216 -19.71 -19.82 -5.65
N GLY B 217 -20.84 -19.38 -5.09
CA GLY B 217 -21.53 -20.10 -4.03
C GLY B 217 -22.06 -21.51 -4.20
N ALA B 218 -22.34 -22.14 -3.07
CA ALA B 218 -22.84 -23.52 -3.00
C ALA B 218 -24.34 -23.67 -3.17
N GLN B 219 -25.04 -22.58 -3.42
CA GLN B 219 -26.48 -22.66 -3.63
C GLN B 219 -26.88 -21.73 -4.74
N ARG B 220 -28.04 -22.00 -5.33
CA ARG B 220 -28.55 -21.21 -6.44
C ARG B 220 -28.47 -19.70 -6.24
N ASP B 221 -27.82 -19.03 -7.20
CA ASP B 221 -27.68 -17.59 -7.21
C ASP B 221 -26.76 -16.95 -6.19
N ALA B 222 -26.01 -17.77 -5.46
CA ALA B 222 -25.05 -17.23 -4.51
C ALA B 222 -23.84 -17.13 -5.44
N ALA B 223 -23.84 -16.12 -6.29
CA ALA B 223 -22.77 -15.97 -7.26
C ALA B 223 -22.49 -14.52 -7.58
N GLU B 224 -21.37 -14.30 -8.25
CA GLU B 224 -20.94 -12.97 -8.63
C GLU B 224 -19.88 -13.18 -9.71
N THR B 225 -19.45 -12.12 -10.37
CA THR B 225 -18.42 -12.26 -11.40
C THR B 225 -17.03 -12.15 -10.79
N HIS B 226 -16.05 -12.73 -11.47
CA HIS B 226 -14.66 -12.66 -11.02
C HIS B 226 -13.83 -12.45 -12.29
N ASP B 227 -13.88 -11.23 -12.82
CA ASP B 227 -13.17 -10.88 -14.04
C ASP B 227 -11.83 -10.21 -13.80
N VAL B 228 -10.81 -10.64 -14.53
CA VAL B 228 -9.47 -10.07 -14.42
C VAL B 228 -9.09 -9.47 -15.77
N TYR B 229 -8.63 -8.21 -15.76
CA TYR B 229 -8.28 -7.52 -17.00
C TYR B 229 -6.81 -7.47 -17.34
N SER B 230 -5.95 -7.59 -16.35
CA SER B 230 -4.51 -7.54 -16.58
C SER B 230 -3.79 -8.17 -15.41
N TRP B 231 -2.56 -8.61 -15.63
CA TRP B 231 -1.80 -9.25 -14.59
C TRP B 231 -0.30 -9.29 -14.92
N SER B 232 0.52 -8.83 -13.99
CA SER B 232 1.96 -8.84 -14.18
C SER B 232 2.59 -9.43 -12.94
N PHE B 233 3.78 -9.99 -13.11
CA PHE B 233 4.47 -10.62 -11.99
C PHE B 233 5.97 -10.48 -12.19
N GLN B 234 6.70 -10.36 -11.09
CA GLN B 234 8.14 -10.19 -11.14
C GLN B 234 8.76 -10.74 -9.86
N ALA B 235 9.83 -11.52 -9.98
CA ALA B 235 10.51 -12.07 -8.81
C ALA B 235 12.01 -12.10 -9.05
N SER B 236 12.79 -11.79 -8.01
CA SER B 236 14.24 -11.77 -8.13
C SER B 236 14.92 -12.58 -7.03
N LEU B 237 15.58 -13.66 -7.43
CA LEU B 237 16.29 -14.50 -6.48
C LEU B 237 17.76 -14.11 -6.56
N PRO B 238 18.27 -13.44 -5.51
CA PRO B 238 19.67 -13.01 -5.47
C PRO B 238 20.68 -14.11 -5.78
N GLU B 239 21.59 -13.82 -6.70
CA GLU B 239 22.64 -14.74 -7.15
C GLU B 239 22.15 -15.76 -8.20
C1 GLC C . 26.27 25.25 -3.05
C2 GLC C . 25.01 25.38 -3.90
C3 GLC C . 23.79 24.91 -3.10
C4 GLC C . 24.01 23.50 -2.56
C5 GLC C . 25.35 23.39 -1.82
C6 GLC C . 25.69 21.95 -1.48
O1 GLC C . 26.13 26.01 -1.89
O2 GLC C . 24.84 26.73 -4.30
O3 GLC C . 22.65 24.92 -3.95
O4 GLC C . 22.93 23.14 -1.67
O5 GLC C . 26.44 23.88 -2.64
O6 GLC C . 26.20 21.85 -0.17
C1 GAL C . 22.03 22.19 -2.15
C2 GAL C . 21.20 21.63 -0.98
C3 GAL C . 20.10 20.69 -1.52
C4 GAL C . 19.27 21.39 -2.60
C5 GAL C . 20.21 21.93 -3.68
C6 GAL C . 19.47 22.71 -4.76
O2 GAL C . 22.06 20.92 -0.10
O3 GAL C . 19.25 20.29 -0.46
O4 GAL C . 18.54 22.46 -2.02
O5 GAL C . 21.17 22.85 -3.09
O6 GAL C . 20.38 23.27 -5.69
C1 GLC D . -26.19 -25.49 2.92
C2 GLC D . -26.41 -24.32 1.97
C3 GLC D . -25.07 -23.93 1.31
C4 GLC D . -24.00 -23.67 2.38
C5 GLC D . -23.93 -24.84 3.37
C6 GLC D . -23.04 -24.51 4.54
O1 GLC D . -25.68 -26.57 2.22
O2 GLC D . -27.33 -24.70 0.95
O3 GLC D . -25.27 -22.76 0.53
O4 GLC D . -22.72 -23.49 1.76
O5 GLC D . -25.23 -25.13 3.93
O6 GLC D . -22.17 -25.61 4.84
C1 GAL D . -22.20 -22.19 1.76
C2 GAL D . -20.71 -22.22 1.41
C3 GAL D . -20.18 -20.78 1.29
C4 GAL D . -21.03 -20.00 0.29
C5 GAL D . -22.49 -20.06 0.71
C6 GAL D . -23.42 -19.35 -0.24
O2 GAL D . -19.99 -22.92 2.43
O3 GAL D . -18.83 -20.79 0.87
O4 GAL D . -20.89 -20.58 -1.00
O5 GAL D . -22.92 -21.44 0.77
O6 GAL D . -24.77 -19.50 0.15
MN MN E . 15.89 11.03 0.68
CA CA F . 17.14 14.84 -0.57
MN MN G . -11.87 -14.87 4.49
CA CA H . -15.27 -16.75 2.91
#